data_2VCM
#
_entry.id   2VCM
#
_cell.length_a   41.576
_cell.length_b   75.353
_cell.length_c   101.511
_cell.angle_alpha   90.00
_cell.angle_beta   90.00
_cell.angle_gamma   90.00
#
_symmetry.space_group_name_H-M   'P 21 21 21'
#
loop_
_entity.id
_entity.type
_entity.pdbx_description
1 polymer 'ISOPENICILLIN N SYNTHETASE'
2 non-polymer 'FE (II) ION'
3 non-polymer N^6^-[(1R,2S)-1-({[(1R)-1-carboxy-2-methylpropyl]oxy}carbonyl)-2-sulfanylpropyl]-6-oxo-L-lysine
4 non-polymer 'SULFATE ION'
5 water water
#
_entity_poly.entity_id   1
_entity_poly.type   'polypeptide(L)'
_entity_poly.pdbx_seq_one_letter_code
;MGSVSKANVPKIDVSPLFGDDQAAKMRVAQQIDAASRDTGFFYAVNHGINVQRLSQKTKEFHMSITPEEKWDLAIRAYNK
EHQDQVRAGYYLSIPGKKAVESFCYLNPNFTPDHPRIQAKTPTHEVNVWPDETKHPGFQDFAEQYYWDVFGLSSALLKGY
ALALGKEENFFARHFKPDDTLASVVLIRYPYLDPYPEAAIKTAADGTKLSFEWHEDVSLITVLYQSNVQNLQVETAAGYQ
DIEADDTGYLINCGSYMAHLTNNYYKAPIHRVKWVNAERQSLPFFVNLGYDSVIDPFDPREPNGKSDREPLSYGDYLQNG
LVSLINKNGQT
;
_entity_poly.pdbx_strand_id   A
#
loop_
_chem_comp.id
_chem_comp.type
_chem_comp.name
_chem_comp.formula
FE2 non-polymer 'FE (II) ION' 'Fe 2'
M11 non-polymer N^6^-[(1R,2S)-1-({[(1R)-1-carboxy-2-methylpropyl]oxy}carbonyl)-2-sulfanylpropyl]-6-oxo-L-lysine 'C15 H26 N2 O7 S'
SO4 non-polymer 'SULFATE ION' 'O4 S -2'
#
# COMPACT_ATOMS: atom_id res chain seq x y z
N SER A 3 5.27 13.37 -25.62
CA SER A 3 5.36 11.95 -26.01
C SER A 3 4.95 10.98 -24.89
N VAL A 4 4.58 11.46 -23.69
CA VAL A 4 4.18 10.55 -22.58
C VAL A 4 2.66 10.34 -22.52
N SER A 5 2.20 9.12 -22.65
CA SER A 5 0.77 8.90 -22.78
C SER A 5 0.21 8.65 -21.43
N LYS A 6 -1.09 8.48 -21.40
CA LYS A 6 -1.79 8.45 -20.14
C LYS A 6 -2.40 7.05 -20.03
N ALA A 7 -2.30 6.49 -18.84
CA ALA A 7 -2.72 5.12 -18.57
C ALA A 7 -4.25 5.10 -18.54
N ASN A 8 -4.87 4.06 -19.02
CA ASN A 8 -6.27 3.79 -18.78
C ASN A 8 -6.44 3.30 -17.35
N VAL A 9 -7.09 4.12 -16.53
CA VAL A 9 -7.33 3.76 -15.17
C VAL A 9 -8.81 3.94 -14.92
N PRO A 10 -9.60 2.90 -15.10
CA PRO A 10 -11.02 3.04 -15.01
C PRO A 10 -11.50 3.33 -13.62
N LYS A 11 -12.61 4.08 -13.49
CA LYS A 11 -13.25 4.30 -12.19
C LYS A 11 -14.28 3.23 -12.02
N ILE A 12 -14.22 2.44 -10.96
CA ILE A 12 -15.12 1.31 -10.77
C ILE A 12 -15.89 1.56 -9.49
N ASP A 13 -17.21 1.61 -9.60
CA ASP A 13 -18.03 1.77 -8.40
C ASP A 13 -18.08 0.45 -7.66
N VAL A 14 -17.40 0.42 -6.52
CA VAL A 14 -17.29 -0.80 -5.73
C VAL A 14 -18.41 -1.03 -4.71
N SER A 15 -19.40 -0.14 -4.65
CA SER A 15 -20.43 -0.24 -3.62
C SER A 15 -21.14 -1.59 -3.61
N PRO A 16 -21.40 -2.19 -4.81
CA PRO A 16 -22.07 -3.52 -4.72
C PRO A 16 -21.28 -4.59 -3.88
N LEU A 17 -19.94 -4.45 -3.75
CA LEU A 17 -19.14 -5.44 -3.03
C LEU A 17 -19.43 -5.42 -1.53
N PHE A 18 -20.09 -4.34 -1.09
CA PHE A 18 -20.54 -4.28 0.31
C PHE A 18 -21.94 -4.87 0.50
N GLY A 19 -22.55 -5.33 -0.57
CA GLY A 19 -23.95 -5.68 -0.52
C GLY A 19 -24.21 -7.12 -0.85
N ASP A 20 -25.49 -7.42 -1.10
CA ASP A 20 -25.93 -8.80 -1.38
C ASP A 20 -26.55 -9.04 -2.73
N ASP A 21 -26.39 -8.08 -3.65
CA ASP A 21 -26.85 -8.29 -5.00
C ASP A 21 -25.68 -9.02 -5.77
N GLN A 22 -25.83 -10.34 -5.92
CA GLN A 22 -24.67 -11.14 -6.41
C GLN A 22 -24.35 -10.85 -7.87
N ALA A 23 -25.36 -10.65 -8.71
CA ALA A 23 -25.04 -10.28 -10.10
C ALA A 23 -24.36 -8.92 -10.19
N ALA A 24 -24.78 -7.93 -9.37
CA ALA A 24 -24.09 -6.63 -9.40
C ALA A 24 -22.62 -6.82 -8.98
N LYS A 25 -22.38 -7.69 -7.97
CA LYS A 25 -21.01 -7.97 -7.57
C LYS A 25 -20.20 -8.55 -8.74
N MET A 26 -20.81 -9.45 -9.50
CA MET A 26 -20.14 -10.02 -10.66
C MET A 26 -19.80 -8.98 -11.68
N ARG A 27 -20.69 -8.02 -11.85
CA ARG A 27 -20.40 -6.88 -12.79
C ARG A 27 -19.23 -6.04 -12.32
N VAL A 28 -19.07 -5.92 -11.01
CA VAL A 28 -17.90 -5.23 -10.44
C VAL A 28 -16.67 -6.06 -10.73
N ALA A 29 -16.74 -7.35 -10.41
CA ALA A 29 -15.66 -8.28 -10.63
C ALA A 29 -15.18 -8.28 -12.07
N GLN A 30 -16.09 -8.15 -13.02
CA GLN A 30 -15.67 -8.07 -14.42
C GLN A 30 -14.80 -6.90 -14.71
N GLN A 31 -15.15 -5.76 -14.13
CA GLN A 31 -14.40 -4.52 -14.32
C GLN A 31 -13.04 -4.59 -13.68
N ILE A 32 -13.00 -5.20 -12.50
CA ILE A 32 -11.70 -5.46 -11.82
C ILE A 32 -10.83 -6.40 -12.65
N ASP A 33 -11.40 -7.47 -13.20
CA ASP A 33 -10.63 -8.37 -14.11
C ASP A 33 -10.08 -7.61 -15.28
N ALA A 34 -10.92 -6.81 -15.91
CA ALA A 34 -10.47 -6.07 -17.11
C ALA A 34 -9.28 -5.13 -16.80
N ALA A 35 -9.42 -4.38 -15.71
CA ALA A 35 -8.33 -3.48 -15.29
C ALA A 35 -7.06 -4.23 -14.95
N SER A 36 -7.22 -5.36 -14.29
CA SER A 36 -6.13 -6.13 -13.81
C SER A 36 -5.37 -6.79 -14.95
N ARG A 37 -6.07 -7.06 -16.05
CA ARG A 37 -5.40 -7.57 -17.25
C ARG A 37 -4.95 -6.47 -18.19
N ASP A 38 -5.24 -5.19 -17.91
CA ASP A 38 -4.81 -4.09 -18.81
C ASP A 38 -3.60 -3.43 -18.09
N THR A 39 -3.73 -2.22 -17.58
CA THR A 39 -2.54 -1.58 -16.99
C THR A 39 -2.32 -2.04 -15.59
N GLY A 40 -3.34 -2.64 -14.97
CA GLY A 40 -3.25 -3.15 -13.63
C GLY A 40 -3.64 -2.15 -12.57
N PHE A 41 -4.11 -0.98 -12.95
CA PHE A 41 -4.62 -0.01 -11.94
C PHE A 41 -6.08 0.34 -12.21
N PHE A 42 -6.83 0.57 -11.14
CA PHE A 42 -8.11 1.19 -11.25
C PHE A 42 -8.35 2.10 -10.05
N TYR A 43 -9.36 2.96 -10.21
CA TYR A 43 -9.87 3.77 -9.06
C TYR A 43 -11.14 3.18 -8.53
N ALA A 44 -11.08 2.86 -7.23
CA ALA A 44 -12.30 2.44 -6.51
C ALA A 44 -13.06 3.73 -6.11
N VAL A 45 -14.30 3.88 -6.56
CA VAL A 45 -15.14 5.02 -6.27
C VAL A 45 -16.42 4.51 -5.54
N ASN A 46 -17.15 5.42 -4.86
CA ASN A 46 -18.27 5.06 -4.04
C ASN A 46 -17.84 4.02 -3.00
N HIS A 47 -16.74 4.35 -2.32
CA HIS A 47 -16.02 3.45 -1.39
C HIS A 47 -16.42 3.65 0.06
N GLY A 48 -17.12 4.75 0.36
CA GLY A 48 -17.67 4.95 1.71
C GLY A 48 -16.72 5.45 2.79
N ILE A 49 -15.46 5.72 2.44
CA ILE A 49 -14.49 6.32 3.38
C ILE A 49 -14.42 7.86 3.26
N ASN A 50 -14.38 8.51 4.39
CA ASN A 50 -14.27 9.95 4.42
C ASN A 50 -12.82 10.31 4.22
N VAL A 51 -12.45 10.59 2.99
CA VAL A 51 -11.03 10.87 2.65
C VAL A 51 -10.65 12.31 2.86
N GLN A 52 -11.62 13.19 3.03
CA GLN A 52 -11.31 14.56 3.43
C GLN A 52 -10.72 14.55 4.86
N ARG A 53 -11.30 13.75 5.75
CA ARG A 53 -10.84 13.74 7.15
C ARG A 53 -9.45 13.01 7.28
N LEU A 54 -9.29 11.93 6.50
CA LEU A 54 -7.99 11.27 6.37
C LEU A 54 -6.85 12.27 6.01
N SER A 55 -7.09 13.06 4.99
CA SER A 55 -5.98 13.95 4.54
C SER A 55 -5.80 15.08 5.55
N GLN A 56 -6.90 15.51 6.22
CA GLN A 56 -6.78 16.68 7.08
C GLN A 56 -5.93 16.29 8.28
N LYS A 57 -6.38 15.20 8.89
CA LYS A 57 -5.72 14.69 10.06
C LYS A 57 -4.27 14.32 9.78
N THR A 58 -4.02 13.80 8.57
CA THR A 58 -2.66 13.39 8.17
C THR A 58 -1.78 14.63 8.09
N LYS A 59 -2.35 15.66 7.51
CA LYS A 59 -1.61 16.90 7.31
C LYS A 59 -1.26 17.59 8.64
N GLU A 60 -2.20 17.57 9.59
CA GLU A 60 -2.00 18.25 10.88
C GLU A 60 -0.80 17.58 11.60
N PHE A 61 -0.66 16.28 11.38
CA PHE A 61 0.43 15.48 12.01
C PHE A 61 1.81 15.81 11.46
N HIS A 62 1.93 15.65 10.15
CA HIS A 62 3.16 15.90 9.44
C HIS A 62 3.68 17.33 9.72
N MET A 63 2.76 18.30 9.81
CA MET A 63 3.15 19.71 9.90
C MET A 63 3.52 20.09 11.33
N SER A 64 3.04 19.35 12.32
CA SER A 64 3.23 19.80 13.67
C SER A 64 4.25 18.95 14.48
N ILE A 65 4.66 17.78 13.97
CA ILE A 65 5.64 16.94 14.70
C ILE A 65 7.03 17.57 14.65
N THR A 66 7.71 17.54 15.80
CA THR A 66 9.01 18.24 15.97
C THR A 66 10.14 17.25 15.88
N PRO A 67 11.37 17.74 15.73
CA PRO A 67 12.48 16.77 15.58
C PRO A 67 12.66 15.88 16.77
N GLU A 68 12.40 16.40 17.95
CA GLU A 68 12.51 15.60 19.17
C GLU A 68 11.56 14.39 19.13
N GLU A 69 10.37 14.67 18.69
CA GLU A 69 9.33 13.63 18.57
C GLU A 69 9.72 12.61 17.47
N LYS A 70 10.33 13.08 16.39
CA LYS A 70 10.70 12.17 15.30
C LYS A 70 11.79 11.23 15.77
N TRP A 71 12.77 11.72 16.53
CA TRP A 71 13.77 10.79 17.06
C TRP A 71 13.07 9.80 18.01
N ASP A 72 12.12 10.28 18.81
CA ASP A 72 11.47 9.40 19.79
C ASP A 72 10.72 8.26 19.11
N LEU A 73 10.25 8.51 17.88
CA LEU A 73 9.36 7.58 17.17
C LEU A 73 10.14 6.81 16.07
N ALA A 74 11.42 7.14 15.90
CA ALA A 74 12.20 6.75 14.72
C ALA A 74 12.33 5.24 14.63
N ILE A 75 12.22 4.71 13.41
CA ILE A 75 12.60 3.30 13.18
C ILE A 75 14.12 3.14 13.36
N ARG A 76 14.60 1.90 13.41
CA ARG A 76 16.01 1.69 13.72
C ARG A 76 16.99 2.16 12.67
N ALA A 77 16.53 2.39 11.46
CA ALA A 77 17.37 2.99 10.45
C ALA A 77 17.85 4.38 10.80
N TYR A 78 17.07 5.05 11.64
CA TYR A 78 17.41 6.41 12.10
C TYR A 78 17.75 6.52 13.57
N ASN A 79 17.55 5.47 14.35
CA ASN A 79 17.76 5.54 15.79
C ASN A 79 18.20 4.17 16.26
N LYS A 80 19.45 4.00 16.53
CA LYS A 80 20.01 2.68 16.99
C LYS A 80 19.41 2.16 18.28
N GLU A 81 18.77 3.03 19.05
CA GLU A 81 18.18 2.58 20.28
C GLU A 81 16.90 1.81 20.07
N HIS A 82 16.34 1.91 18.87
CA HIS A 82 15.07 1.27 18.57
C HIS A 82 15.14 -0.03 17.77
N GLN A 83 15.85 -1.03 18.29
CA GLN A 83 16.14 -2.20 17.46
C GLN A 83 14.91 -3.02 17.09
N ASP A 84 13.83 -2.86 17.85
CA ASP A 84 12.62 -3.59 17.55
C ASP A 84 11.75 -2.93 16.53
N GLN A 85 12.13 -1.73 16.12
CA GLN A 85 11.34 -0.92 15.14
C GLN A 85 11.91 -1.05 13.76
N VAL A 86 11.46 -2.06 13.05
CA VAL A 86 11.93 -2.28 11.73
C VAL A 86 10.90 -1.71 10.77
N ARG A 87 9.62 -1.92 11.05
CA ARG A 87 8.56 -1.50 10.19
C ARG A 87 7.85 -0.25 10.71
N ALA A 88 7.43 -0.27 12.00
CA ALA A 88 6.53 0.74 12.53
C ALA A 88 7.32 1.87 13.13
N GLY A 89 6.90 3.11 12.82
CA GLY A 89 7.49 4.29 13.35
C GLY A 89 7.72 5.38 12.34
N TYR A 90 8.57 6.33 12.69
CA TYR A 90 8.82 7.48 11.86
C TYR A 90 10.06 7.26 10.98
N TYR A 91 9.94 7.65 9.71
CA TYR A 91 10.97 7.49 8.68
C TYR A 91 11.38 8.95 8.37
N LEU A 92 12.51 9.38 8.90
CA LEU A 92 12.85 10.79 8.85
C LEU A 92 13.30 11.30 7.50
N SER A 93 13.01 12.59 7.21
CA SER A 93 13.62 13.25 6.08
C SER A 93 15.03 13.61 6.54
N ILE A 94 15.86 14.01 5.59
CA ILE A 94 17.22 14.44 5.92
C ILE A 94 17.46 15.78 5.20
N PRO A 95 17.31 16.93 5.89
CA PRO A 95 17.30 18.18 5.13
C PRO A 95 18.55 18.28 4.30
N GLY A 96 18.37 18.75 3.06
CA GLY A 96 19.45 18.89 2.10
C GLY A 96 19.76 17.64 1.31
N LYS A 97 19.16 16.51 1.72
CA LYS A 97 19.53 15.23 1.16
C LYS A 97 18.32 14.34 0.76
N LYS A 98 17.35 14.21 1.64
CA LYS A 98 16.22 13.30 1.48
C LYS A 98 14.95 14.07 1.80
N ALA A 99 14.02 14.12 0.84
CA ALA A 99 12.83 14.95 1.00
C ALA A 99 11.70 14.24 1.73
N VAL A 100 11.39 13.01 1.32
CA VAL A 100 10.24 12.35 1.81
C VAL A 100 10.40 11.98 3.31
N GLU A 101 9.31 12.03 4.03
CA GLU A 101 9.21 11.50 5.38
C GLU A 101 7.87 10.81 5.59
N SER A 102 7.85 9.88 6.52
CA SER A 102 6.64 9.06 6.62
C SER A 102 6.49 8.45 7.98
N PHE A 103 5.29 7.99 8.27
CA PHE A 103 5.02 7.33 9.55
C PHE A 103 4.26 6.06 9.19
N CYS A 104 4.77 4.94 9.64
CA CYS A 104 4.16 3.63 9.31
C CYS A 104 3.57 3.02 10.57
N TYR A 105 2.37 2.49 10.46
CA TYR A 105 1.82 1.68 11.54
C TYR A 105 1.13 0.44 11.02
N LEU A 106 1.09 -0.54 11.92
CA LEU A 106 0.61 -1.89 11.68
C LEU A 106 -0.75 -2.13 12.41
N ASN A 107 -1.18 -3.38 12.38
CA ASN A 107 -2.35 -3.84 13.04
C ASN A 107 -2.45 -3.33 14.47
N PRO A 108 -3.46 -2.48 14.75
CA PRO A 108 -3.63 -2.10 16.20
C PRO A 108 -3.81 -3.21 17.19
N ASN A 109 -4.14 -4.42 16.76
CA ASN A 109 -4.24 -5.56 17.68
C ASN A 109 -2.90 -6.18 18.10
N PHE A 110 -1.80 -5.74 17.47
CA PHE A 110 -0.49 -6.16 17.89
C PHE A 110 -0.12 -5.41 19.16
N THR A 111 -0.48 -5.97 20.29
CA THR A 111 -0.08 -5.36 21.59
C THR A 111 0.93 -6.31 22.23
N PRO A 112 1.60 -5.86 23.34
CA PRO A 112 2.57 -6.66 24.03
C PRO A 112 1.99 -8.00 24.37
N ASP A 113 0.69 -8.09 24.48
CA ASP A 113 0.10 -9.30 24.88
C ASP A 113 -0.53 -10.10 23.76
N HIS A 114 -0.26 -9.75 22.48
CA HIS A 114 -0.69 -10.51 21.31
C HIS A 114 0.22 -11.73 21.14
N PRO A 115 -0.33 -12.90 20.80
CA PRO A 115 0.56 -14.11 20.72
C PRO A 115 1.81 -14.05 19.78
N ARG A 116 1.71 -13.33 18.65
CA ARG A 116 2.82 -13.22 17.72
C ARG A 116 3.90 -12.28 18.28
N ILE A 117 3.48 -11.31 19.06
CA ILE A 117 4.45 -10.42 19.73
C ILE A 117 5.08 -11.21 20.88
N GLN A 118 4.29 -12.00 21.60
CA GLN A 118 4.90 -12.73 22.72
C GLN A 118 5.91 -13.73 22.15
N ALA A 119 5.62 -14.35 21.00
CA ALA A 119 6.53 -15.26 20.30
C ALA A 119 7.69 -14.56 19.58
N LYS A 120 7.69 -13.24 19.55
CA LYS A 120 8.70 -12.46 18.80
C LYS A 120 8.78 -12.88 17.30
N THR A 121 7.64 -13.14 16.69
CA THR A 121 7.64 -13.56 15.30
C THR A 121 8.09 -12.39 14.42
N PRO A 122 8.98 -12.64 13.45
CA PRO A 122 9.35 -11.53 12.54
C PRO A 122 8.15 -10.88 11.84
N THR A 123 8.37 -9.63 11.49
CA THR A 123 7.38 -8.74 10.81
C THR A 123 6.25 -8.22 11.71
N HIS A 124 6.15 -8.68 12.95
CA HIS A 124 5.11 -8.24 13.89
C HIS A 124 5.76 -7.30 14.87
N GLU A 125 5.17 -6.12 15.04
CA GLU A 125 5.67 -5.13 15.99
C GLU A 125 4.49 -4.45 16.64
N VAL A 126 4.74 -3.85 17.79
CA VAL A 126 3.75 -3.03 18.47
C VAL A 126 3.94 -1.60 17.99
N ASN A 127 2.87 -0.96 17.53
CA ASN A 127 2.90 0.42 17.09
C ASN A 127 3.43 1.38 18.12
N VAL A 128 4.12 2.41 17.61
CA VAL A 128 4.57 3.53 18.45
C VAL A 128 3.78 4.77 18.04
N TRP A 129 3.42 5.59 19.02
CA TRP A 129 2.51 6.73 18.78
C TRP A 129 3.10 7.98 19.45
N PRO A 130 2.81 9.13 18.88
CA PRO A 130 3.22 10.38 19.53
C PRO A 130 2.47 10.65 20.84
N ASP A 131 2.99 11.57 21.63
CA ASP A 131 2.26 12.03 22.83
C ASP A 131 0.86 12.57 22.47
N GLU A 132 -0.14 12.06 23.16
CA GLU A 132 -1.51 12.48 22.93
C GLU A 132 -1.75 13.98 23.12
N THR A 133 -1.05 14.60 24.06
CA THR A 133 -1.31 16.01 24.33
C THR A 133 -0.71 16.86 23.20
N LYS A 134 0.40 16.42 22.61
CA LYS A 134 0.95 17.14 21.48
C LYS A 134 0.21 16.87 20.17
N HIS A 135 -0.46 15.71 20.07
CA HIS A 135 -1.23 15.39 18.87
C HIS A 135 -2.60 14.79 19.24
N PRO A 136 -3.49 15.64 19.77
CA PRO A 136 -4.76 15.15 20.25
C PRO A 136 -5.51 14.48 19.18
N GLY A 137 -6.02 13.29 19.49
CA GLY A 137 -6.95 12.60 18.55
C GLY A 137 -6.25 11.84 17.39
N PHE A 138 -4.95 12.03 17.28
CA PHE A 138 -4.21 11.40 16.15
C PHE A 138 -4.22 9.86 16.22
N GLN A 139 -3.90 9.28 17.36
CA GLN A 139 -3.89 7.81 17.45
C GLN A 139 -5.29 7.25 17.24
N ASP A 140 -6.31 7.93 17.78
CA ASP A 140 -7.68 7.47 17.57
C ASP A 140 -8.05 7.49 16.09
N PHE A 141 -7.67 8.58 15.43
CA PHE A 141 -7.93 8.78 14.03
C PHE A 141 -7.30 7.63 13.21
N ALA A 142 -6.02 7.38 13.49
CA ALA A 142 -5.18 6.50 12.67
C ALA A 142 -5.61 5.05 12.86
N GLU A 143 -5.96 4.66 14.08
CA GLU A 143 -6.48 3.29 14.31
C GLU A 143 -7.82 3.09 13.65
N GLN A 144 -8.71 4.07 13.81
CA GLN A 144 -10.03 3.98 13.12
C GLN A 144 -9.76 3.92 11.60
N TYR A 145 -8.87 4.74 11.05
CA TYR A 145 -8.62 4.72 9.62
C TYR A 145 -8.20 3.29 9.17
N TYR A 146 -7.34 2.65 9.97
CA TYR A 146 -6.84 1.28 9.70
C TYR A 146 -8.03 0.36 9.48
N TRP A 147 -9.00 0.42 10.39
CA TRP A 147 -10.14 -0.51 10.23
C TRP A 147 -11.09 -0.10 9.09
N ASP A 148 -11.16 1.17 8.78
CA ASP A 148 -11.98 1.65 7.68
C ASP A 148 -11.43 1.13 6.34
N VAL A 149 -10.12 1.30 6.15
CA VAL A 149 -9.49 0.84 4.92
C VAL A 149 -9.38 -0.69 4.92
N PHE A 150 -9.29 -1.28 6.09
CA PHE A 150 -9.44 -2.76 6.21
C PHE A 150 -10.77 -3.25 5.62
N GLY A 151 -11.85 -2.59 5.98
CA GLY A 151 -13.17 -2.97 5.48
C GLY A 151 -13.25 -2.82 3.97
N LEU A 152 -12.74 -1.71 3.46
CA LEU A 152 -12.79 -1.51 2.01
C LEU A 152 -11.99 -2.59 1.32
N SER A 153 -10.83 -2.88 1.89
CA SER A 153 -9.92 -3.85 1.31
C SER A 153 -10.58 -5.24 1.25
N SER A 154 -11.28 -5.59 2.33
CA SER A 154 -12.00 -6.85 2.38
CA SER A 154 -11.98 -6.86 2.38
C SER A 154 -13.01 -6.97 1.26
N ALA A 155 -13.74 -5.88 1.05
CA ALA A 155 -14.68 -5.81 -0.04
C ALA A 155 -14.00 -6.00 -1.37
N LEU A 156 -12.98 -5.17 -1.61
CA LEU A 156 -12.13 -5.34 -2.85
C LEU A 156 -11.66 -6.79 -3.07
N LEU A 157 -11.19 -7.46 -2.05
CA LEU A 157 -10.72 -8.83 -2.19
C LEU A 157 -11.86 -9.83 -2.58
N LYS A 158 -13.09 -9.55 -2.20
CA LYS A 158 -14.26 -10.33 -2.67
C LYS A 158 -14.41 -10.13 -4.16
N GLY A 159 -14.24 -8.88 -4.63
CA GLY A 159 -14.21 -8.61 -6.07
C GLY A 159 -13.11 -9.34 -6.84
N TYR A 160 -11.88 -9.32 -6.34
CA TYR A 160 -10.77 -10.01 -7.02
C TYR A 160 -11.07 -11.52 -7.06
N ALA A 161 -11.62 -12.04 -5.96
CA ALA A 161 -11.89 -13.47 -5.89
C ALA A 161 -12.91 -13.83 -6.97
N LEU A 162 -14.01 -13.10 -7.05
CA LEU A 162 -15.02 -13.43 -8.08
C LEU A 162 -14.45 -13.18 -9.48
N ALA A 163 -13.59 -12.18 -9.64
CA ALA A 163 -12.96 -11.82 -10.92
C ALA A 163 -12.18 -13.05 -11.47
N LEU A 164 -11.60 -13.82 -10.55
CA LEU A 164 -10.77 -14.97 -10.93
C LEU A 164 -11.55 -16.26 -10.90
N GLY A 165 -12.85 -16.20 -10.71
CA GLY A 165 -13.64 -17.41 -10.71
C GLY A 165 -13.75 -18.21 -9.44
N LYS A 166 -13.31 -17.59 -8.34
CA LYS A 166 -13.34 -18.19 -7.04
C LYS A 166 -14.56 -17.69 -6.25
N GLU A 167 -14.94 -18.42 -5.22
CA GLU A 167 -15.92 -17.92 -4.24
C GLU A 167 -15.41 -16.69 -3.51
N GLU A 168 -16.31 -15.84 -3.00
CA GLU A 168 -15.89 -14.48 -2.71
C GLU A 168 -14.95 -14.39 -1.53
N ASN A 169 -14.93 -15.41 -0.68
CA ASN A 169 -14.02 -15.39 0.47
C ASN A 169 -12.63 -15.98 0.20
N PHE A 170 -12.32 -16.25 -1.07
CA PHE A 170 -11.08 -16.96 -1.41
C PHE A 170 -9.83 -16.26 -0.83
N PHE A 171 -9.77 -14.95 -0.96
CA PHE A 171 -8.68 -14.17 -0.35
C PHE A 171 -9.04 -13.69 1.01
N ALA A 172 -10.27 -13.16 1.13
CA ALA A 172 -10.69 -12.43 2.32
C ALA A 172 -10.63 -13.32 3.57
N ARG A 173 -10.73 -14.63 3.37
CA ARG A 173 -10.69 -15.51 4.52
C ARG A 173 -9.31 -15.60 5.19
N HIS A 174 -8.29 -15.13 4.50
CA HIS A 174 -6.93 -15.05 5.02
C HIS A 174 -6.59 -13.66 5.51
N PHE A 175 -7.55 -12.72 5.44
CA PHE A 175 -7.34 -11.31 5.78
C PHE A 175 -8.22 -11.02 6.98
N LYS A 176 -7.60 -11.06 8.16
CA LYS A 176 -8.33 -11.04 9.39
C LYS A 176 -7.80 -9.99 10.34
N PRO A 177 -8.70 -9.38 11.11
CA PRO A 177 -8.26 -8.36 12.00
C PRO A 177 -7.29 -8.86 13.06
N ASP A 178 -7.39 -10.15 13.43
CA ASP A 178 -6.56 -10.63 14.48
C ASP A 178 -5.12 -10.76 14.09
N ASP A 179 -4.83 -10.97 12.81
CA ASP A 179 -3.45 -11.30 12.46
C ASP A 179 -2.89 -10.65 11.22
N THR A 180 -3.65 -9.76 10.59
CA THR A 180 -3.18 -9.22 9.35
C THR A 180 -1.86 -8.45 9.58
N LEU A 181 -0.94 -8.65 8.62
CA LEU A 181 0.36 -7.94 8.56
C LEU A 181 0.22 -6.60 7.76
N ALA A 182 -1.03 -6.20 7.42
CA ALA A 182 -1.28 -5.02 6.61
C ALA A 182 -0.67 -3.80 7.32
N SER A 183 -0.20 -2.85 6.52
CA SER A 183 0.32 -1.59 7.07
C SER A 183 -0.30 -0.37 6.39
N VAL A 184 -0.31 0.74 7.14
CA VAL A 184 -0.65 2.05 6.62
C VAL A 184 0.66 2.82 6.68
N VAL A 185 0.94 3.62 5.64
CA VAL A 185 2.11 4.58 5.65
C VAL A 185 1.55 5.92 5.31
N LEU A 186 1.80 6.87 6.20
CA LEU A 186 1.39 8.26 6.04
C LEU A 186 2.64 9.01 5.52
N ILE A 187 2.67 9.19 4.18
CA ILE A 187 3.82 9.83 3.50
C ILE A 187 3.61 11.33 3.23
N ARG A 188 4.62 12.14 3.57
CA ARG A 188 4.61 13.53 3.16
C ARG A 188 5.70 13.71 2.12
N TYR A 189 5.32 14.30 0.99
CA TYR A 189 6.25 14.73 -0.04
C TYR A 189 6.18 16.23 0.02
N PRO A 190 7.30 16.87 0.41
CA PRO A 190 7.21 18.29 0.66
C PRO A 190 7.45 19.14 -0.58
N TYR A 191 7.02 20.41 -0.51
CA TYR A 191 7.57 21.47 -1.39
C TYR A 191 8.84 21.97 -0.79
N LEU A 192 9.91 22.12 -1.59
CA LEU A 192 11.18 22.59 -1.06
C LEU A 192 11.81 23.49 -2.09
N ASP A 193 12.34 24.60 -1.65
CA ASP A 193 13.00 25.46 -2.57
C ASP A 193 14.23 26.09 -1.93
N PRO A 194 15.44 25.69 -2.36
CA PRO A 194 15.78 24.77 -3.44
C PRO A 194 15.46 23.31 -3.10
N TYR A 195 15.13 22.51 -4.09
CA TYR A 195 14.89 21.12 -3.81
C TYR A 195 16.20 20.34 -3.83
N PRO A 196 16.46 19.51 -2.80
CA PRO A 196 17.75 18.77 -2.74
C PRO A 196 17.96 17.80 -3.93
N GLU A 197 19.08 17.97 -4.62
CA GLU A 197 19.39 17.17 -5.79
C GLU A 197 19.55 15.68 -5.46
N ALA A 198 20.08 15.39 -4.26
CA ALA A 198 20.22 14.02 -3.80
C ALA A 198 18.90 13.29 -3.70
N ALA A 199 17.80 14.05 -3.63
CA ALA A 199 16.52 13.48 -3.42
C ALA A 199 15.79 13.28 -4.77
N ILE A 200 16.47 13.56 -5.88
CA ILE A 200 15.88 13.43 -7.19
C ILE A 200 16.75 12.44 -7.95
N LYS A 201 16.12 11.41 -8.51
CA LYS A 201 16.84 10.38 -9.24
C LYS A 201 16.54 10.58 -10.71
N THR A 202 17.43 10.18 -11.62
CA THR A 202 17.11 10.32 -13.06
C THR A 202 16.91 8.93 -13.60
N ALA A 203 15.78 8.68 -14.25
CA ALA A 203 15.49 7.37 -14.80
C ALA A 203 16.32 7.12 -16.06
N ALA A 204 16.40 5.87 -16.45
CA ALA A 204 17.08 5.51 -17.69
C ALA A 204 16.52 6.34 -18.84
N ASP A 205 15.21 6.59 -18.80
CA ASP A 205 14.55 7.36 -19.86
C ASP A 205 14.61 8.87 -19.70
N GLY A 206 15.36 9.35 -18.70
CA GLY A 206 15.51 10.78 -18.48
C GLY A 206 14.55 11.42 -17.49
N THR A 207 13.48 10.73 -17.15
CA THR A 207 12.46 11.29 -16.26
C THR A 207 13.02 11.48 -14.86
N LYS A 208 12.74 12.62 -14.25
CA LYS A 208 13.18 12.84 -12.83
C LYS A 208 12.19 12.16 -11.90
N LEU A 209 12.71 11.39 -10.94
CA LEU A 209 11.90 10.58 -10.05
C LEU A 209 12.19 10.90 -8.59
N SER A 210 11.17 10.70 -7.77
CA SER A 210 11.32 10.61 -6.32
C SER A 210 11.48 9.21 -5.83
N PHE A 211 10.94 8.22 -6.56
CA PHE A 211 11.11 6.82 -6.19
C PHE A 211 11.11 5.94 -7.47
N GLU A 212 12.07 5.00 -7.54
CA GLU A 212 12.30 4.26 -8.77
C GLU A 212 11.26 3.14 -8.91
N TRP A 213 11.31 2.54 -10.09
CA TRP A 213 10.42 1.48 -10.46
C TRP A 213 10.46 0.33 -9.50
N HIS A 214 9.29 -0.29 -9.31
CA HIS A 214 9.16 -1.40 -8.43
C HIS A 214 7.82 -2.09 -8.66
N GLU A 215 7.74 -3.34 -8.21
CA GLU A 215 6.50 -4.05 -7.98
C GLU A 215 6.18 -3.95 -6.48
N ASP A 216 4.89 -3.80 -6.12
CA ASP A 216 4.58 -3.67 -4.69
C ASP A 216 4.72 -5.04 -3.96
N VAL A 217 5.07 -4.98 -2.67
CA VAL A 217 5.13 -6.16 -1.77
C VAL A 217 3.78 -6.07 -1.04
N SER A 218 2.83 -6.82 -1.61
CA SER A 218 1.44 -6.87 -1.09
C SER A 218 0.67 -7.89 -1.88
N LEU A 219 -0.52 -8.18 -1.38
CA LEU A 219 -1.55 -8.89 -2.18
C LEU A 219 -2.16 -7.85 -3.13
N ILE A 220 -2.78 -6.81 -2.55
CA ILE A 220 -3.16 -5.60 -3.23
C ILE A 220 -2.65 -4.38 -2.44
N THR A 221 -2.66 -3.21 -3.12
CA THR A 221 -2.35 -1.95 -2.49
C THR A 221 -3.52 -1.02 -2.70
N VAL A 222 -3.91 -0.34 -1.63
CA VAL A 222 -5.15 0.48 -1.59
C VAL A 222 -4.71 1.89 -1.16
N LEU A 223 -4.63 2.79 -2.14
CA LEU A 223 -3.92 4.05 -1.98
C LEU A 223 -4.78 5.30 -2.09
N TYR A 224 -4.64 6.22 -1.10
CA TYR A 224 -5.22 7.51 -1.24
C TYR A 224 -4.04 8.47 -1.49
N GLN A 225 -4.18 9.39 -2.45
CA GLN A 225 -3.15 10.43 -2.61
C GLN A 225 -3.89 11.74 -2.79
N SER A 226 -3.25 12.81 -2.37
CA SER A 226 -3.77 14.12 -2.65
C SER A 226 -3.67 14.46 -4.15
N ASN A 227 -4.23 15.60 -4.54
CA ASN A 227 -4.41 15.91 -5.97
C ASN A 227 -3.19 16.49 -6.68
N VAL A 228 -2.12 15.71 -6.80
CA VAL A 228 -0.94 16.09 -7.53
C VAL A 228 -0.46 14.84 -8.29
N GLN A 229 -0.53 14.93 -9.61
CA GLN A 229 -0.21 13.80 -10.50
C GLN A 229 1.25 13.45 -10.32
N ASN A 230 1.56 12.17 -10.11
CA ASN A 230 2.96 11.77 -9.91
C ASN A 230 3.28 10.33 -10.32
N LEU A 231 2.29 9.43 -10.26
CA LEU A 231 2.57 8.06 -10.57
C LEU A 231 2.62 7.75 -12.05
N GLN A 232 3.50 6.79 -12.38
CA GLN A 232 3.54 6.23 -13.74
C GLN A 232 3.60 4.71 -13.71
N VAL A 233 2.93 4.06 -14.66
CA VAL A 233 2.95 2.62 -14.76
C VAL A 233 3.65 2.25 -16.05
N GLU A 234 4.42 1.17 -15.97
CA GLU A 234 5.17 0.68 -17.12
C GLU A 234 4.28 -0.18 -17.98
N THR A 235 4.40 0.00 -19.29
CA THR A 235 3.80 -0.85 -20.24
C THR A 235 4.91 -1.21 -21.24
N ALA A 236 4.57 -2.09 -22.14
CA ALA A 236 5.52 -2.42 -23.21
C ALA A 236 5.94 -1.23 -24.06
N ALA A 237 5.12 -0.19 -24.15
CA ALA A 237 5.45 0.98 -24.95
C ALA A 237 6.03 2.12 -24.11
N GLY A 238 6.30 1.81 -22.85
CA GLY A 238 7.05 2.67 -21.91
C GLY A 238 6.08 3.16 -20.84
N TYR A 239 6.55 4.08 -20.03
CA TYR A 239 5.77 4.53 -18.91
C TYR A 239 4.61 5.44 -19.30
N GLN A 240 3.51 5.29 -18.58
CA GLN A 240 2.29 6.10 -18.82
C GLN A 240 1.86 6.78 -17.55
N ASP A 241 1.40 8.02 -17.66
CA ASP A 241 0.95 8.77 -16.50
C ASP A 241 -0.32 8.21 -15.94
N ILE A 242 -0.39 8.04 -14.60
CA ILE A 242 -1.63 7.77 -13.93
C ILE A 242 -2.21 9.09 -13.38
N GLU A 243 -3.40 9.47 -13.81
CA GLU A 243 -3.93 10.75 -13.36
C GLU A 243 -4.45 10.64 -11.93
N ALA A 244 -4.34 11.77 -11.22
CA ALA A 244 -4.64 11.82 -9.81
C ALA A 244 -6.16 11.92 -9.65
N ASP A 245 -6.66 11.44 -8.53
CA ASP A 245 -8.07 11.61 -8.15
C ASP A 245 -8.10 11.52 -6.60
N ASP A 246 -8.23 12.66 -5.96
CA ASP A 246 -8.19 12.74 -4.52
C ASP A 246 -9.59 12.52 -3.93
N THR A 247 -10.51 11.95 -4.73
CA THR A 247 -11.75 11.40 -4.15
C THR A 247 -11.74 9.85 -4.07
N GLY A 248 -10.94 9.21 -4.90
CA GLY A 248 -10.98 7.73 -5.07
C GLY A 248 -9.81 7.06 -4.42
N TYR A 249 -9.82 5.70 -4.35
CA TYR A 249 -8.62 4.97 -3.98
C TYR A 249 -8.08 4.30 -5.22
N LEU A 250 -6.79 4.45 -5.42
CA LEU A 250 -6.09 3.77 -6.48
C LEU A 250 -5.73 2.37 -6.01
N ILE A 251 -6.13 1.36 -6.78
CA ILE A 251 -5.85 -0.02 -6.45
C ILE A 251 -4.96 -0.67 -7.49
N ASN A 252 -4.06 -1.50 -7.02
CA ASN A 252 -3.24 -2.34 -7.88
C ASN A 252 -2.86 -3.62 -7.15
N CYS A 253 -2.53 -4.65 -7.90
CA CYS A 253 -2.06 -5.89 -7.29
C CYS A 253 -0.60 -5.78 -6.94
N GLY A 254 -0.21 -6.51 -5.89
CA GLY A 254 1.16 -6.72 -5.53
C GLY A 254 1.73 -8.09 -5.95
N SER A 255 3.01 -8.32 -5.73
CA SER A 255 3.65 -9.52 -6.29
C SER A 255 3.17 -10.82 -5.67
N TYR A 256 2.50 -10.79 -4.55
CA TYR A 256 1.90 -12.03 -4.03
C TYR A 256 0.73 -12.46 -4.92
N MET A 257 -0.06 -11.49 -5.42
CA MET A 257 -1.17 -11.85 -6.39
C MET A 257 -0.57 -12.41 -7.67
N ALA A 258 0.47 -11.77 -8.17
CA ALA A 258 1.09 -12.26 -9.39
C ALA A 258 1.59 -13.71 -9.21
N HIS A 259 2.16 -14.00 -8.03
CA HIS A 259 2.67 -15.33 -7.77
C HIS A 259 1.54 -16.37 -7.83
N LEU A 260 0.48 -16.06 -7.11
CA LEU A 260 -0.58 -17.06 -6.91
C LEU A 260 -1.47 -17.24 -8.11
N THR A 261 -1.48 -16.25 -9.02
CA THR A 261 -2.22 -16.38 -10.27
C THR A 261 -1.36 -16.77 -11.47
N ASN A 262 -0.14 -17.27 -11.22
CA ASN A 262 0.76 -17.57 -12.36
C ASN A 262 0.90 -16.37 -13.32
N ASN A 263 0.97 -15.19 -12.72
CA ASN A 263 1.14 -13.92 -13.39
C ASN A 263 -0.03 -13.51 -14.30
N TYR A 264 -1.16 -14.14 -14.16
CA TYR A 264 -2.35 -13.68 -14.89
C TYR A 264 -2.78 -12.27 -14.49
N TYR A 265 -2.79 -11.99 -13.18
CA TYR A 265 -2.85 -10.62 -12.65
C TYR A 265 -1.45 -10.25 -12.21
N LYS A 266 -0.78 -9.54 -13.12
CA LYS A 266 0.58 -9.02 -12.85
C LYS A 266 0.61 -8.03 -11.68
N ALA A 267 1.78 -7.88 -11.06
CA ALA A 267 1.99 -6.79 -10.19
C ALA A 267 2.60 -5.68 -11.08
N PRO A 268 1.81 -4.62 -11.38
CA PRO A 268 2.31 -3.63 -12.31
C PRO A 268 3.52 -2.94 -11.78
N ILE A 269 4.51 -2.77 -12.67
CA ILE A 269 5.69 -1.98 -12.36
C ILE A 269 5.29 -0.49 -12.43
N HIS A 270 5.66 0.27 -11.40
CA HIS A 270 5.31 1.69 -11.37
C HIS A 270 6.41 2.46 -10.66
N ARG A 271 6.42 3.78 -10.84
CA ARG A 271 7.39 4.66 -10.26
C ARG A 271 6.76 5.98 -9.90
N VAL A 272 7.48 6.78 -9.10
CA VAL A 272 6.94 8.08 -8.61
C VAL A 272 7.77 9.22 -9.24
N LYS A 273 7.16 10.08 -10.06
CA LYS A 273 7.88 11.21 -10.66
C LYS A 273 8.17 12.23 -9.58
N TRP A 274 9.27 12.95 -9.75
CA TRP A 274 9.59 14.08 -8.91
C TRP A 274 8.68 15.22 -9.33
N VAL A 275 7.94 15.71 -8.37
CA VAL A 275 7.13 16.90 -8.51
C VAL A 275 7.35 17.81 -7.30
N ASN A 276 7.70 19.08 -7.55
CA ASN A 276 7.93 19.99 -6.42
C ASN A 276 6.66 20.62 -5.94
N ALA A 277 6.02 19.96 -5.03
CA ALA A 277 4.67 20.35 -4.59
C ALA A 277 4.36 19.60 -3.32
N GLU A 278 3.76 20.25 -2.36
CA GLU A 278 3.39 19.59 -1.10
C GLU A 278 2.28 18.60 -1.40
N ARG A 279 2.45 17.36 -1.01
CA ARG A 279 1.45 16.35 -1.28
C ARG A 279 1.55 15.21 -0.28
N GLN A 280 0.51 14.40 -0.28
CA GLN A 280 0.38 13.24 0.61
C GLN A 280 0.14 12.00 -0.15
N SER A 281 0.73 10.88 0.30
CA SER A 281 0.54 9.57 -0.32
C SER A 281 0.31 8.61 0.85
N LEU A 282 -0.88 8.00 0.93
CA LEU A 282 -1.30 7.23 2.13
C LEU A 282 -1.67 5.81 1.68
N PRO A 283 -0.65 5.00 1.36
CA PRO A 283 -0.95 3.57 1.04
C PRO A 283 -1.31 2.72 2.20
N PHE A 284 -2.20 1.78 1.90
CA PHE A 284 -2.50 0.65 2.77
C PHE A 284 -2.10 -0.63 1.98
N PHE A 285 -1.17 -1.37 2.52
CA PHE A 285 -0.59 -2.59 1.88
C PHE A 285 -1.36 -3.72 2.47
N VAL A 286 -2.17 -4.33 1.62
CA VAL A 286 -3.00 -5.42 2.03
C VAL A 286 -2.10 -6.67 2.09
N ASN A 287 -1.68 -7.01 3.31
CA ASN A 287 -0.96 -8.25 3.61
C ASN A 287 -1.84 -9.22 4.36
N LEU A 288 -1.59 -10.51 4.21
CA LEU A 288 -2.36 -11.54 4.92
C LEU A 288 -1.66 -11.80 6.28
N GLY A 289 -1.94 -12.96 6.90
CA GLY A 289 -1.36 -13.36 8.22
C GLY A 289 -0.02 -14.04 7.97
N TYR A 290 0.81 -14.14 8.99
CA TYR A 290 2.15 -14.69 8.80
C TYR A 290 2.16 -16.09 8.16
N ASP A 291 1.18 -16.90 8.55
CA ASP A 291 1.15 -18.32 8.15
C ASP A 291 0.18 -18.54 6.99
N SER A 292 -0.40 -17.47 6.45
CA SER A 292 -1.34 -17.61 5.37
C SER A 292 -0.63 -18.19 4.13
N VAL A 293 -1.28 -19.15 3.47
CA VAL A 293 -0.75 -19.71 2.26
C VAL A 293 -1.92 -19.86 1.29
N ILE A 294 -1.85 -19.31 0.08
CA ILE A 294 -2.82 -19.61 -0.93
C ILE A 294 -2.17 -20.50 -1.99
N ASP A 295 -2.89 -21.53 -2.38
CA ASP A 295 -2.39 -22.46 -3.40
C ASP A 295 -2.45 -21.77 -4.76
N PRO A 296 -1.31 -21.62 -5.43
CA PRO A 296 -1.30 -21.00 -6.77
C PRO A 296 -2.15 -21.77 -7.77
N PHE A 297 -2.65 -21.03 -8.77
CA PHE A 297 -3.46 -21.58 -9.77
C PHE A 297 -3.28 -20.76 -11.03
N ASP A 298 -3.71 -21.30 -12.15
CA ASP A 298 -3.50 -20.66 -13.41
C ASP A 298 -4.83 -20.57 -14.08
N PRO A 299 -5.44 -19.39 -14.03
CA PRO A 299 -6.73 -19.12 -14.65
C PRO A 299 -6.75 -19.38 -16.13
N ARG A 300 -5.61 -19.49 -16.79
CA ARG A 300 -5.61 -19.65 -18.25
C ARG A 300 -5.86 -21.10 -18.67
N GLU A 301 -5.69 -22.02 -17.73
CA GLU A 301 -5.73 -23.45 -18.02
C GLU A 301 -7.09 -24.00 -17.66
N PRO A 302 -7.68 -24.79 -18.55
CA PRO A 302 -8.93 -25.44 -18.21
C PRO A 302 -8.90 -26.11 -16.84
N ASN A 303 -7.81 -26.77 -16.45
CA ASN A 303 -7.80 -27.44 -15.14
C ASN A 303 -7.29 -26.59 -13.97
N GLY A 304 -6.90 -25.37 -14.27
CA GLY A 304 -6.54 -24.45 -13.21
C GLY A 304 -5.20 -24.72 -12.56
N LYS A 305 -4.51 -25.76 -12.98
CA LYS A 305 -3.26 -26.17 -12.28
C LYS A 305 -2.07 -25.27 -12.56
N SER A 306 -1.32 -25.04 -11.49
CA SER A 306 -0.07 -24.34 -11.56
C SER A 306 1.01 -25.21 -10.92
N ASP A 307 2.24 -25.06 -11.41
CA ASP A 307 3.39 -25.80 -10.88
C ASP A 307 4.12 -25.01 -9.77
N ARG A 308 3.64 -23.79 -9.53
CA ARG A 308 4.25 -22.91 -8.54
C ARG A 308 4.08 -23.35 -7.13
N GLU A 309 5.11 -23.13 -6.30
CA GLU A 309 4.98 -23.52 -4.90
C GLU A 309 4.12 -22.56 -4.12
N PRO A 310 3.30 -23.09 -3.21
CA PRO A 310 2.63 -22.26 -2.27
C PRO A 310 3.72 -21.50 -1.49
N LEU A 311 3.43 -20.25 -1.19
CA LEU A 311 4.35 -19.43 -0.44
C LEU A 311 3.68 -18.92 0.78
N SER A 312 4.36 -19.02 1.90
CA SER A 312 3.80 -18.54 3.13
C SER A 312 3.92 -17.02 3.11
N TYR A 313 2.86 -16.32 3.54
CA TYR A 313 2.84 -14.85 3.38
C TYR A 313 3.95 -14.16 4.25
N GLY A 314 4.17 -14.69 5.42
CA GLY A 314 5.16 -14.05 6.29
C GLY A 314 6.54 -14.09 5.65
N ASP A 315 6.93 -15.26 5.10
CA ASP A 315 8.22 -15.36 4.42
C ASP A 315 8.33 -14.43 3.21
N TYR A 316 7.27 -14.41 2.43
CA TYR A 316 7.20 -13.54 1.26
C TYR A 316 7.43 -12.10 1.70
N LEU A 317 6.77 -11.73 2.80
CA LEU A 317 6.79 -10.33 3.26
C LEU A 317 8.19 -9.99 3.77
N GLN A 318 8.75 -10.87 4.57
CA GLN A 318 10.13 -10.61 5.03
C GLN A 318 11.09 -10.39 3.87
N ASN A 319 11.08 -11.31 2.89
CA ASN A 319 11.98 -11.21 1.74
C ASN A 319 11.72 -9.92 0.94
N GLY A 320 10.46 -9.60 0.81
CA GLY A 320 10.08 -8.52 -0.09
C GLY A 320 10.50 -7.16 0.42
N LEU A 321 10.33 -6.95 1.72
CA LEU A 321 10.55 -5.63 2.30
C LEU A 321 12.05 -5.41 2.29
N VAL A 322 12.81 -6.44 2.60
CA VAL A 322 14.28 -6.32 2.46
C VAL A 322 14.72 -6.03 1.02
N SER A 323 14.17 -6.75 0.05
CA SER A 323 14.53 -6.50 -1.32
C SER A 323 14.19 -5.08 -1.79
N LEU A 324 13.03 -4.57 -1.39
CA LEU A 324 12.68 -3.19 -1.70
C LEU A 324 13.74 -2.22 -1.22
N ILE A 325 14.22 -2.43 0.02
CA ILE A 325 15.19 -1.49 0.60
C ILE A 325 16.49 -1.56 -0.18
N ASN A 326 16.95 -2.78 -0.41
CA ASN A 326 18.19 -2.99 -1.17
C ASN A 326 18.13 -2.43 -2.61
N LYS A 327 16.99 -2.59 -3.27
CA LYS A 327 16.85 -2.17 -4.67
C LYS A 327 16.65 -0.66 -4.75
N ASN A 328 15.74 -0.13 -3.95
CA ASN A 328 15.34 1.28 -4.08
C ASN A 328 15.66 2.22 -2.94
N GLY A 329 16.35 1.70 -1.92
CA GLY A 329 16.81 2.52 -0.80
C GLY A 329 15.94 2.55 0.42
N GLN A 330 16.56 3.03 1.49
CA GLN A 330 15.88 3.17 2.78
C GLN A 330 14.99 4.39 2.68
N THR A 331 13.69 4.18 2.89
CA THR A 331 12.72 5.27 2.79
C THR A 331 12.68 6.06 4.09
FE FE2 B . 4.28 1.01 -5.10
O43 M11 C . 6.16 6.58 -2.54
C31 M11 C . 4.92 6.35 -2.70
O42 M11 C . 4.06 7.29 -2.87
C30 M11 C . 4.53 4.87 -2.62
O29 M11 C . 5.75 4.11 -2.30
C13 M11 C . 5.71 3.20 -1.17
O18 M11 C . 4.88 3.35 -0.23
C12 M11 C . 6.76 2.11 -1.15
S17 M11 C . 4.97 0.83 -2.83
C25 M11 C . 7.89 1.09 -3.10
N11 M11 C . 6.55 1.04 -0.19
C10 M11 C . 7.44 0.76 0.73
O15 M11 C . 8.45 1.46 0.90
C7 M11 C . 7.06 -0.41 1.57
C4 M11 C . 6.70 0.16 2.93
C3 M11 C . 6.30 -1.01 3.82
C2 M11 C . 6.02 -0.59 5.25
N14 M11 C . 7.15 0.09 5.88
C1 M11 C . 5.71 -1.87 5.95
O20 M11 C . 4.65 -2.51 5.60
O19 M11 C . 6.53 -2.33 6.80
C32 M11 C . 3.77 4.18 -3.83
C37 M11 C . 4.53 3.53 -5.05
C33 M11 C . 2.60 5.01 -4.35
CAV M11 C . 6.68 1.01 -2.20
S SO4 D . 12.53 20.38 -15.34
O1 SO4 D . 11.47 20.84 -14.45
O2 SO4 D . 12.07 20.34 -16.72
O3 SO4 D . 13.67 21.28 -15.20
O4 SO4 D . 12.90 19.03 -14.93
S SO4 E . 26.32 2.39 11.24
O1 SO4 E . 25.25 3.23 11.75
O2 SO4 E . 25.81 1.55 10.16
O3 SO4 E . 27.47 3.19 10.72
O4 SO4 E . 26.65 1.56 12.40
#